data_6D57
#
_entry.id   6D57
#
_cell.length_a   35.742
_cell.length_b   84.363
_cell.length_c   123.626
_cell.angle_alpha   90.00
_cell.angle_beta   90.00
_cell.angle_gamma   90.00
#
_symmetry.space_group_name_H-M   'P 21 21 21'
#
loop_
_entity.id
_entity.type
_entity.pdbx_description
1 polymer 'Ferric uptake regulation protein'
2 non-polymer GLYCEROL
3 non-polymer 'FORMIC ACID'
4 non-polymer 'ZINC ION'
5 water water
#
_entity_poly.entity_id   1
_entity_poly.type   'polypeptide(L)'
_entity_poly.pdbx_seq_one_letter_code
;GAMGMLIENVEYDVLLERFKKILRQGGLKYTKQREVLLKTLYHSDT(OHI)YTPESLYMEIKQAEPDLNVGIATVYRTLN
LLEEAEMVTSISFGSAGKKYELANKPHHDHMICKNCGKIIEFENPIIERQQALIAKEHGFKLTGHLMQLYGVCGDCNNQK
AKVKI
;
_entity_poly.pdbx_strand_id   A,B
#
loop_
_chem_comp.id
_chem_comp.type
_chem_comp.name
_chem_comp.formula
FMT non-polymer 'FORMIC ACID' 'C H2 O2'
GOL non-polymer GLYCEROL 'C3 H8 O3'
ZN non-polymer 'ZINC ION' 'Zn 2'
#
# COMPACT_ATOMS: atom_id res chain seq x y z
N ILE A 7 8.31 7.04 -0.82
CA ILE A 7 7.89 5.61 -0.92
C ILE A 7 7.48 5.08 0.45
N GLU A 8 6.22 4.70 0.60
CA GLU A 8 5.75 4.20 1.89
C GLU A 8 5.77 2.69 1.82
N ASN A 9 5.97 2.05 2.96
CA ASN A 9 5.95 0.59 3.09
C ASN A 9 4.52 0.20 3.29
N VAL A 10 3.93 -0.32 2.21
CA VAL A 10 2.49 -0.66 2.23
C VAL A 10 2.16 -1.74 3.24
N GLU A 11 3.00 -2.80 3.28
CA GLU A 11 2.78 -3.91 4.26
C GLU A 11 2.73 -3.35 5.71
N TYR A 12 3.71 -2.47 6.07
CA TYR A 12 3.76 -1.92 7.43
C TYR A 12 2.53 -0.98 7.69
N ASP A 13 2.22 -0.11 6.74
CA ASP A 13 1.09 0.81 6.89
C ASP A 13 -0.20 0.03 7.13
N VAL A 14 -0.38 -1.07 6.39
CA VAL A 14 -1.58 -1.94 6.48
C VAL A 14 -1.63 -2.58 7.84
N LEU A 15 -0.48 -3.03 8.33
CA LEU A 15 -0.38 -3.69 9.63
C LEU A 15 -0.74 -2.73 10.71
N LEU A 16 -0.18 -1.51 10.65
CA LEU A 16 -0.39 -0.52 11.69
C LEU A 16 -1.89 -0.09 11.74
N GLU A 17 -2.51 0.06 10.58
CA GLU A 17 -3.94 0.46 10.59
C GLU A 17 -4.81 -0.65 11.14
N ARG A 18 -4.46 -1.90 10.79
CA ARG A 18 -5.19 -3.07 11.26
C ARG A 18 -5.08 -3.22 12.79
N PHE A 19 -3.88 -2.98 13.34
CA PHE A 19 -3.67 -3.01 14.76
C PHE A 19 -4.50 -1.93 15.46
N LYS A 20 -4.52 -0.69 14.94
CA LYS A 20 -5.33 0.38 15.48
C LYS A 20 -6.85 0.11 15.38
N LYS A 21 -7.30 -0.55 14.28
CA LYS A 21 -8.71 -0.89 14.03
C LYS A 21 -9.13 -1.90 15.05
N ILE A 22 -8.27 -2.85 15.36
CA ILE A 22 -8.60 -3.90 16.32
C ILE A 22 -8.77 -3.28 17.70
N LEU A 23 -7.82 -2.42 18.11
CA LEU A 23 -7.82 -1.69 19.38
C LEU A 23 -9.05 -0.81 19.54
N ARG A 24 -9.44 -0.04 18.50
CA ARG A 24 -10.64 0.80 18.56
C ARG A 24 -11.89 -0.07 18.80
N GLN A 25 -11.91 -1.27 18.21
CA GLN A 25 -13.01 -2.24 18.33
C GLN A 25 -13.05 -2.89 19.72
N GLY A 26 -11.89 -3.05 20.35
CA GLY A 26 -11.81 -3.63 21.70
C GLY A 26 -11.93 -2.63 22.83
N GLY A 27 -12.22 -1.37 22.49
CA GLY A 27 -12.33 -0.26 23.44
C GLY A 27 -10.99 0.22 23.96
N LEU A 28 -9.87 -0.33 23.39
CA LEU A 28 -8.47 -0.07 23.77
C LEU A 28 -7.82 1.10 23.01
N LYS A 29 -6.90 1.80 23.69
CA LYS A 29 -6.19 2.95 23.14
C LYS A 29 -4.85 2.58 22.52
N TYR A 30 -4.44 3.31 21.46
CA TYR A 30 -3.14 3.12 20.80
C TYR A 30 -2.07 3.84 21.65
N THR A 31 -1.70 3.21 22.77
CA THR A 31 -0.71 3.75 23.71
C THR A 31 0.70 3.65 23.16
N LYS A 32 1.65 4.33 23.81
CA LYS A 32 3.07 4.28 23.42
C LYS A 32 3.59 2.84 23.67
N GLN A 33 3.03 2.14 24.71
CA GLN A 33 3.42 0.75 25.05
C GLN A 33 3.12 -0.17 23.81
N ARG A 34 1.87 -0.09 23.30
CA ARG A 34 1.36 -0.90 22.19
C ARG A 34 2.06 -0.56 20.90
N GLU A 35 2.35 0.77 20.67
CA GLU A 35 3.09 1.25 19.53
C GLU A 35 4.49 0.60 19.52
N VAL A 36 5.26 0.67 20.62
CA VAL A 36 6.62 0.06 20.65
C VAL A 36 6.56 -1.51 20.46
N LEU A 37 5.53 -2.17 20.99
CA LEU A 37 5.38 -3.61 20.84
C LEU A 37 5.23 -3.94 19.32
N LEU A 38 4.28 -3.33 18.61
CA LEU A 38 4.09 -3.65 17.19
C LEU A 38 5.36 -3.27 16.40
N LYS A 39 5.93 -2.08 16.71
CA LYS A 39 7.12 -1.60 15.99
C LYS A 39 8.28 -2.57 16.22
N THR A 40 8.45 -3.02 17.49
CA THR A 40 9.48 -3.99 17.76
C THR A 40 9.25 -5.27 16.99
N LEU A 41 8.02 -5.81 16.97
CA LEU A 41 7.79 -7.09 16.29
C LEU A 41 7.97 -6.93 14.79
N TYR A 42 7.60 -5.77 14.23
CA TYR A 42 7.78 -5.63 12.79
C TYR A 42 9.24 -5.43 12.42
N HIS A 43 9.92 -4.51 13.13
CA HIS A 43 11.30 -4.14 12.76
C HIS A 43 12.34 -5.17 13.18
N SER A 44 12.16 -5.86 14.27
CA SER A 44 13.24 -6.77 14.67
C SER A 44 13.24 -8.06 13.84
N ASP A 45 14.46 -8.54 13.52
CA ASP A 45 14.64 -9.81 12.83
C ASP A 45 14.95 -10.90 13.88
N THR A 46 14.74 -10.60 15.18
CA THR A 46 14.89 -11.63 16.25
C THR A 46 13.43 -12.10 16.53
CE1 OHI A 47 11.95 -14.18 12.72
ND1 OHI A 47 11.94 -13.96 14.19
NE2 OHI A 47 11.65 -15.65 12.52
CD2 OHI A 47 11.52 -16.11 13.77
CG OHI A 47 11.68 -15.13 14.75
CB OHI A 47 11.59 -15.32 16.26
CA OHI A 47 11.83 -13.99 16.97
N OHI A 47 13.18 -13.43 16.72
C OHI A 47 11.71 -14.11 18.51
O OHI A 47 12.46 -14.85 19.16
O12 OHI A 47 12.17 -13.34 11.89
N TYR A 48 10.85 -13.28 19.06
CA TYR A 48 10.76 -13.16 20.51
C TYR A 48 9.79 -14.10 21.15
N THR A 49 10.03 -14.45 22.43
CA THR A 49 9.03 -15.07 23.30
C THR A 49 8.35 -13.89 24.06
N PRO A 50 7.25 -14.08 24.76
CA PRO A 50 6.68 -12.94 25.53
C PRO A 50 7.75 -12.42 26.53
N GLU A 51 8.55 -13.34 27.06
CA GLU A 51 9.57 -13.02 28.04
C GLU A 51 10.68 -12.26 27.40
N SER A 52 11.24 -12.75 26.28
CA SER A 52 12.33 -11.98 25.63
C SER A 52 11.85 -10.66 25.00
N LEU A 53 10.59 -10.59 24.52
CA LEU A 53 10.01 -9.33 24.03
C LEU A 53 9.91 -8.32 25.19
N TYR A 54 9.47 -8.79 26.37
CA TYR A 54 9.32 -7.96 27.57
C TYR A 54 10.71 -7.48 28.04
N MET A 55 11.72 -8.38 28.10
CA MET A 55 13.11 -8.00 28.50
C MET A 55 13.76 -7.10 27.46
N GLU A 56 13.41 -7.30 26.19
CA GLU A 56 13.98 -6.44 25.15
C GLU A 56 13.48 -5.02 25.26
N ILE A 57 12.15 -4.83 25.40
CA ILE A 57 11.53 -3.46 25.52
C ILE A 57 11.99 -2.80 26.83
N LYS A 58 12.19 -3.58 27.89
CA LYS A 58 12.72 -3.09 29.19
C LYS A 58 14.11 -2.43 28.94
N GLN A 59 14.99 -3.13 28.16
CA GLN A 59 16.32 -2.65 27.81
C GLN A 59 16.29 -1.43 26.87
N ALA A 60 15.37 -1.43 25.87
CA ALA A 60 15.37 -0.32 24.90
C ALA A 60 14.51 0.90 25.30
N GLU A 61 13.44 0.65 26.08
CA GLU A 61 12.49 1.69 26.49
C GLU A 61 11.98 1.56 27.95
N PRO A 62 12.76 1.79 29.01
CA PRO A 62 12.13 1.80 30.35
C PRO A 62 11.24 3.08 30.43
N ASP A 63 9.96 2.94 30.02
CA ASP A 63 8.96 4.01 29.93
C ASP A 63 8.53 4.48 31.32
N ASN A 65 6.05 0.81 33.08
CA ASN A 65 5.79 0.30 31.72
C ASN A 65 7.09 -0.22 31.10
N VAL A 66 7.04 -1.24 30.19
CA VAL A 66 5.90 -2.05 29.78
C VAL A 66 5.96 -3.39 30.53
N GLY A 67 4.90 -3.74 31.23
CA GLY A 67 4.90 -4.98 32.00
C GLY A 67 4.69 -6.20 31.15
N ILE A 68 5.00 -7.40 31.71
CA ILE A 68 4.84 -8.61 30.91
C ILE A 68 3.37 -8.92 30.58
N ALA A 69 2.37 -8.43 31.41
CA ALA A 69 0.95 -8.71 31.15
C ALA A 69 0.53 -8.00 29.93
N THR A 70 0.97 -6.72 29.78
CA THR A 70 0.66 -5.95 28.58
C THR A 70 1.28 -6.63 27.40
N VAL A 71 2.51 -7.14 27.53
CA VAL A 71 3.13 -7.84 26.38
C VAL A 71 2.27 -9.05 25.97
N TYR A 72 1.95 -9.93 26.95
CA TYR A 72 1.19 -11.15 26.72
C TYR A 72 -0.23 -10.85 26.13
N ARG A 73 -1.00 -9.86 26.65
CA ARG A 73 -2.31 -9.49 26.02
C ARG A 73 -2.18 -8.98 24.58
N THR A 74 -1.16 -8.14 24.33
CA THR A 74 -0.97 -7.63 22.97
C THR A 74 -0.63 -8.77 22.03
N LEU A 75 0.22 -9.76 22.46
CA LEU A 75 0.60 -10.83 21.53
C LEU A 75 -0.65 -11.69 21.14
N ASN A 76 -1.47 -11.95 22.12
CA ASN A 76 -2.71 -12.71 21.94
C ASN A 76 -3.68 -12.00 21.00
N LEU A 77 -3.86 -10.66 21.12
CA LEU A 77 -4.72 -9.86 20.22
C LEU A 77 -4.15 -10.01 18.78
N LEU A 78 -2.83 -9.89 18.61
CA LEU A 78 -2.18 -10.01 17.31
C LEU A 78 -2.32 -11.41 16.65
N GLU A 79 -2.13 -12.46 17.46
CA GLU A 79 -2.21 -13.84 17.00
C GLU A 79 -3.63 -14.21 16.62
N GLU A 80 -4.59 -13.81 17.44
CA GLU A 80 -5.99 -14.10 17.20
C GLU A 80 -6.41 -13.52 15.81
N ALA A 81 -6.00 -12.28 15.55
CA ALA A 81 -6.21 -11.53 14.30
C ALA A 81 -5.36 -12.08 13.15
N GLU A 82 -4.47 -13.10 13.41
CA GLU A 82 -3.58 -13.69 12.41
C GLU A 82 -2.61 -12.64 11.86
N MET A 83 -2.21 -11.69 12.71
CA MET A 83 -1.22 -10.69 12.27
C MET A 83 0.14 -11.17 12.64
N VAL A 84 0.19 -12.08 13.60
CA VAL A 84 1.48 -12.74 13.96
C VAL A 84 1.26 -14.26 14.01
N THR A 85 2.35 -15.05 13.87
CA THR A 85 2.18 -16.51 14.01
C THR A 85 3.13 -16.96 15.15
N SER A 86 2.75 -17.97 15.90
CA SER A 86 3.60 -18.48 16.99
C SER A 86 4.04 -19.89 16.71
N ILE A 87 5.15 -20.29 17.33
CA ILE A 87 5.60 -21.65 17.20
C ILE A 87 6.20 -22.08 18.56
N SER A 88 5.75 -23.23 19.11
CA SER A 88 6.29 -23.75 20.37
C SER A 88 7.39 -24.79 20.05
N PHE A 89 8.34 -25.02 20.99
CA PHE A 89 9.39 -26.04 20.79
C PHE A 89 9.92 -26.70 22.11
N GLY A 90 9.49 -26.21 23.26
CA GLY A 90 9.93 -26.76 24.55
C GLY A 90 9.35 -26.03 25.72
N GLY A 93 8.28 -21.51 26.05
CA GLY A 93 7.87 -20.15 25.64
C GLY A 93 7.68 -19.99 24.14
N LYS A 94 6.45 -19.60 23.65
CA LYS A 94 6.20 -19.53 22.21
C LYS A 94 7.02 -18.43 21.55
N LYS A 95 7.58 -18.66 20.36
CA LYS A 95 8.30 -17.61 19.61
C LYS A 95 7.40 -17.11 18.55
N TYR A 96 7.47 -15.80 18.27
CA TYR A 96 6.53 -15.18 17.43
C TYR A 96 7.18 -14.53 16.21
N GLU A 97 6.41 -14.40 15.11
CA GLU A 97 6.94 -13.65 13.97
C GLU A 97 5.78 -13.10 13.22
N LEU A 98 6.00 -12.09 12.35
CA LEU A 98 4.87 -11.57 11.57
C LEU A 98 4.35 -12.65 10.64
N ALA A 99 3.03 -12.68 10.45
CA ALA A 99 2.40 -13.64 9.50
C ALA A 99 2.73 -13.15 8.08
N ASN A 100 3.14 -14.06 7.24
CA ASN A 100 3.41 -13.73 5.84
C ASN A 100 2.68 -14.86 5.12
N LYS A 101 1.34 -14.94 5.32
CA LYS A 101 0.53 -15.97 4.66
C LYS A 101 0.71 -15.80 3.14
N PRO A 102 0.87 -16.89 2.36
CA PRO A 102 1.01 -16.73 0.89
C PRO A 102 -0.27 -16.10 0.34
N HIS A 103 -0.11 -15.28 -0.67
CA HIS A 103 -1.27 -14.60 -1.24
C HIS A 103 -1.01 -14.51 -2.72
N HIS A 104 -2.08 -14.24 -3.46
CA HIS A 104 -2.00 -14.08 -4.91
C HIS A 104 -1.69 -12.62 -5.19
N ASP A 105 -1.34 -12.33 -6.43
CA ASP A 105 -1.15 -10.94 -6.92
C ASP A 105 -2.44 -10.63 -7.66
N HIS A 106 -2.67 -9.33 -7.93
CA HIS A 106 -3.94 -8.86 -8.51
C HIS A 106 -3.82 -7.83 -9.62
N MET A 107 -4.61 -8.01 -10.67
CA MET A 107 -4.72 -7.05 -11.75
C MET A 107 -6.08 -6.40 -11.56
N ILE A 108 -6.15 -5.09 -11.69
CA ILE A 108 -7.36 -4.33 -11.38
C ILE A 108 -7.74 -3.49 -12.61
N CYS A 109 -8.98 -3.59 -13.04
CA CYS A 109 -9.49 -2.70 -14.07
C CYS A 109 -9.79 -1.32 -13.42
N LYS A 110 -9.15 -0.25 -13.90
CA LYS A 110 -9.40 1.09 -13.39
C LYS A 110 -10.81 1.57 -13.68
N ASN A 111 -11.40 1.08 -14.78
CA ASN A 111 -12.72 1.58 -15.20
C ASN A 111 -13.91 0.96 -14.54
N CYS A 112 -13.91 -0.35 -14.26
CA CYS A 112 -15.10 -0.99 -13.63
C CYS A 112 -14.74 -1.58 -12.29
N GLY A 113 -13.45 -1.68 -11.98
CA GLY A 113 -13.01 -2.24 -10.70
C GLY A 113 -12.83 -3.75 -10.68
N LYS A 114 -12.98 -4.40 -11.84
CA LYS A 114 -12.83 -5.87 -11.91
C LYS A 114 -11.46 -6.25 -11.38
N ILE A 115 -11.41 -7.34 -10.61
CA ILE A 115 -10.17 -7.84 -10.03
C ILE A 115 -9.90 -9.27 -10.48
N ILE A 116 -8.72 -9.48 -11.05
CA ILE A 116 -8.29 -10.81 -11.55
C ILE A 116 -7.13 -11.26 -10.66
N GLU A 117 -7.22 -12.41 -10.05
CA GLU A 117 -6.09 -12.91 -9.22
C GLU A 117 -5.15 -13.73 -10.08
N PHE A 118 -3.83 -13.71 -9.78
CA PHE A 118 -2.92 -14.52 -10.59
C PHE A 118 -1.67 -14.80 -9.76
N GLU A 119 -0.87 -15.72 -10.23
CA GLU A 119 0.43 -16.00 -9.59
C GLU A 119 1.36 -16.41 -10.75
N ASN A 120 2.61 -15.95 -10.77
CA ASN A 120 3.46 -16.25 -11.94
C ASN A 120 4.80 -16.74 -11.42
N PRO A 121 5.21 -17.98 -11.73
CA PRO A 121 6.48 -18.53 -11.14
C PRO A 121 7.74 -17.87 -11.72
N ILE A 122 7.67 -17.35 -12.94
CA ILE A 122 8.88 -16.65 -13.48
C ILE A 122 9.11 -15.33 -12.68
N ILE A 123 8.06 -14.58 -12.41
CA ILE A 123 8.15 -13.39 -11.51
C ILE A 123 8.67 -13.81 -10.14
N GLU A 124 8.08 -14.83 -9.53
CA GLU A 124 8.47 -15.28 -8.16
C GLU A 124 9.98 -15.51 -8.12
N ARG A 125 10.48 -16.25 -9.11
CA ARG A 125 11.90 -16.57 -9.23
C ARG A 125 12.76 -15.31 -9.40
N GLN A 126 12.34 -14.33 -10.20
CA GLN A 126 13.12 -13.10 -10.38
C GLN A 126 13.12 -12.24 -9.09
N GLN A 127 12.01 -12.24 -8.36
CA GLN A 127 11.92 -11.53 -7.06
C GLN A 127 12.95 -12.08 -6.06
N ALA A 128 13.14 -13.43 -6.02
CA ALA A 128 14.18 -13.99 -5.11
C ALA A 128 15.60 -13.55 -5.62
N LEU A 129 15.80 -13.50 -6.95
CA LEU A 129 17.06 -13.09 -7.55
C LEU A 129 17.42 -11.62 -7.26
N ILE A 130 16.44 -10.76 -7.31
CA ILE A 130 16.59 -9.32 -7.00
C ILE A 130 16.98 -9.16 -5.53
N ALA A 131 16.31 -9.88 -4.61
CA ALA A 131 16.70 -9.77 -3.20
C ALA A 131 18.10 -10.21 -3.02
N LYS A 132 18.44 -11.37 -3.61
CA LYS A 132 19.78 -11.98 -3.52
C LYS A 132 20.88 -11.04 -4.10
N GLU A 133 20.63 -10.37 -5.26
CA GLU A 133 21.60 -9.44 -5.92
C GLU A 133 21.94 -8.24 -4.99
N HIS A 134 21.02 -7.88 -4.06
CA HIS A 134 21.23 -6.80 -3.10
C HIS A 134 21.50 -7.24 -1.65
N GLY A 135 21.74 -8.53 -1.45
CA GLY A 135 22.03 -9.03 -0.11
C GLY A 135 20.83 -9.11 0.83
N PHE A 136 19.58 -9.07 0.28
CA PHE A 136 18.39 -9.08 1.12
C PHE A 136 17.83 -10.49 1.32
N LYS A 137 17.24 -10.76 2.47
CA LYS A 137 16.46 -11.95 2.71
C LYS A 137 15.01 -11.54 2.37
N LEU A 138 14.44 -12.13 1.32
CA LEU A 138 13.10 -11.76 0.88
C LEU A 138 12.07 -12.35 1.87
N THR A 139 11.12 -11.55 2.37
CA THR A 139 10.06 -12.10 3.28
C THR A 139 8.64 -11.92 2.75
N GLY A 140 8.41 -10.99 1.82
CA GLY A 140 7.04 -10.76 1.35
C GLY A 140 7.06 -9.89 0.10
N HIS A 141 5.88 -9.72 -0.52
CA HIS A 141 5.90 -8.81 -1.69
C HIS A 141 4.51 -8.32 -1.88
N LEU A 142 4.39 -7.29 -2.70
CA LEU A 142 3.07 -6.81 -3.13
C LEU A 142 3.23 -6.53 -4.60
N MET A 143 2.27 -6.96 -5.39
CA MET A 143 2.32 -6.75 -6.84
C MET A 143 0.94 -6.56 -7.47
N GLN A 144 0.67 -5.33 -7.92
CA GLN A 144 -0.60 -5.00 -8.58
C GLN A 144 -0.36 -4.57 -9.97
N LEU A 145 -1.20 -4.99 -10.88
CA LEU A 145 -1.19 -4.57 -12.27
C LEU A 145 -2.49 -3.75 -12.44
N TYR A 146 -2.40 -2.63 -13.20
CA TYR A 146 -3.53 -1.76 -13.46
C TYR A 146 -3.74 -1.69 -14.97
N GLY A 147 -5.00 -1.61 -15.35
CA GLY A 147 -5.32 -1.48 -16.76
C GLY A 147 -6.79 -1.37 -17.01
N VAL A 148 -7.16 -1.68 -18.22
CA VAL A 148 -8.55 -1.62 -18.68
C VAL A 148 -8.92 -2.94 -19.24
N CYS A 149 -9.95 -3.58 -18.64
CA CYS A 149 -10.37 -4.90 -19.04
C CYS A 149 -11.02 -4.86 -20.44
N GLY A 150 -11.11 -6.02 -21.07
CA GLY A 150 -11.72 -6.23 -22.40
C GLY A 150 -13.11 -5.67 -22.56
N ASP A 151 -13.98 -5.84 -21.54
CA ASP A 151 -15.34 -5.31 -21.56
C ASP A 151 -15.37 -3.77 -21.49
N CYS A 152 -14.44 -3.15 -20.76
CA CYS A 152 -14.41 -1.69 -20.65
C CYS A 152 -13.78 -1.05 -21.86
N ASN A 153 -12.74 -1.70 -22.44
CA ASN A 153 -11.99 -1.27 -23.61
C ASN A 153 -12.85 -1.17 -24.87
N MET B 3 -14.75 -7.56 -7.46
CA MET B 3 -15.61 -8.70 -7.90
C MET B 3 -15.59 -9.78 -6.76
N GLY B 4 -16.27 -9.43 -5.68
CA GLY B 4 -16.37 -10.23 -4.46
C GLY B 4 -15.11 -10.14 -3.62
N MET B 5 -14.06 -9.42 -4.11
CA MET B 5 -12.77 -9.32 -3.41
C MET B 5 -12.45 -7.88 -3.09
N LEU B 6 -11.95 -7.61 -1.87
CA LEU B 6 -11.58 -6.25 -1.50
C LEU B 6 -10.07 -6.05 -1.59
N ILE B 7 -9.68 -5.43 -2.67
CA ILE B 7 -8.28 -5.13 -2.88
C ILE B 7 -8.20 -3.65 -2.92
N GLU B 8 -7.42 -3.09 -2.05
CA GLU B 8 -7.20 -1.64 -2.08
C GLU B 8 -6.24 -1.37 -3.30
N ASN B 9 -6.62 -0.42 -4.15
CA ASN B 9 -5.79 0.01 -5.28
C ASN B 9 -4.75 0.94 -4.70
N VAL B 10 -3.50 0.43 -4.56
CA VAL B 10 -2.42 1.17 -4.00
C VAL B 10 -2.10 2.41 -4.79
N GLU B 11 -1.93 2.33 -6.12
CA GLU B 11 -1.53 3.53 -6.84
C GLU B 11 -2.62 4.64 -6.69
N TYR B 12 -3.87 4.23 -6.64
CA TYR B 12 -4.97 5.24 -6.43
C TYR B 12 -4.84 5.86 -5.04
N ASP B 13 -4.59 5.06 -4.00
CA ASP B 13 -4.37 5.63 -2.66
C ASP B 13 -3.20 6.59 -2.59
N VAL B 14 -2.08 6.26 -3.26
CA VAL B 14 -0.92 7.16 -3.34
C VAL B 14 -1.35 8.48 -4.02
N LEU B 15 -2.15 8.37 -5.10
CA LEU B 15 -2.64 9.58 -5.77
C LEU B 15 -3.52 10.45 -4.85
N LEU B 16 -4.42 9.81 -4.09
CA LEU B 16 -5.33 10.50 -3.18
C LEU B 16 -4.54 11.17 -2.06
N GLU B 17 -3.53 10.49 -1.51
CA GLU B 17 -2.69 11.14 -0.51
C GLU B 17 -1.96 12.35 -1.04
N ARG B 18 -1.46 12.30 -2.26
CA ARG B 18 -0.80 13.46 -2.88
C ARG B 18 -1.84 14.60 -3.09
N PHE B 19 -3.06 14.24 -3.50
CA PHE B 19 -4.14 15.23 -3.70
C PHE B 19 -4.47 15.84 -2.33
N LYS B 20 -4.54 15.02 -1.27
CA LYS B 20 -4.84 15.58 0.07
C LYS B 20 -3.75 16.59 0.47
N LYS B 21 -2.51 16.27 0.19
CA LYS B 21 -1.33 17.12 0.51
C LYS B 21 -1.47 18.45 -0.19
N ILE B 22 -1.82 18.41 -1.47
CA ILE B 22 -1.99 19.62 -2.26
C ILE B 22 -3.09 20.50 -1.67
N LEU B 23 -4.25 19.90 -1.39
CA LEU B 23 -5.37 20.67 -0.82
C LEU B 23 -4.97 21.31 0.49
N ARG B 24 -4.39 20.55 1.42
CA ARG B 24 -3.94 21.09 2.74
C ARG B 24 -2.94 22.28 2.50
N GLN B 25 -2.06 22.15 1.47
CA GLN B 25 -1.10 23.21 1.12
C GLN B 25 -1.83 24.49 0.69
N GLY B 26 -2.90 24.31 -0.08
CA GLY B 26 -3.70 25.43 -0.60
C GLY B 26 -4.79 25.88 0.33
N GLY B 27 -4.79 25.34 1.55
CA GLY B 27 -5.75 25.67 2.60
C GLY B 27 -7.16 25.23 2.29
N LEU B 28 -7.31 24.15 1.48
CA LEU B 28 -8.63 23.64 1.07
C LEU B 28 -9.02 22.36 1.79
N LYS B 29 -10.29 22.21 2.11
CA LYS B 29 -10.71 21.02 2.82
C LYS B 29 -10.82 19.89 1.81
N TYR B 30 -10.58 18.66 2.26
CA TYR B 30 -10.74 17.45 1.44
C TYR B 30 -12.22 17.09 1.55
N THR B 31 -13.00 17.47 0.53
CA THR B 31 -14.48 17.27 0.56
C THR B 31 -14.82 16.12 -0.35
N LYS B 32 -16.04 15.58 -0.23
CA LYS B 32 -16.49 14.52 -1.15
C LYS B 32 -16.55 15.04 -2.58
N GLN B 33 -16.87 16.35 -2.78
CA GLN B 33 -16.90 16.91 -4.12
C GLN B 33 -15.51 16.86 -4.80
N ARG B 34 -14.47 17.22 -4.02
CA ARG B 34 -13.11 17.19 -4.55
C ARG B 34 -12.67 15.75 -4.73
N GLU B 35 -12.98 14.88 -3.78
CA GLU B 35 -12.61 13.43 -3.85
C GLU B 35 -13.21 12.81 -5.17
N VAL B 36 -14.53 13.04 -5.44
CA VAL B 36 -15.19 12.45 -6.62
C VAL B 36 -14.55 12.95 -7.91
N LEU B 37 -13.98 14.19 -7.93
CA LEU B 37 -13.33 14.66 -9.17
C LEU B 37 -12.05 13.81 -9.44
N LEU B 38 -11.19 13.62 -8.43
CA LEU B 38 -9.98 12.84 -8.65
C LEU B 38 -10.37 11.38 -9.05
N LYS B 39 -11.39 10.88 -8.39
CA LYS B 39 -11.86 9.51 -8.63
C LYS B 39 -12.33 9.37 -10.10
N THR B 40 -13.07 10.35 -10.67
CA THR B 40 -13.51 10.33 -12.04
C THR B 40 -12.33 10.40 -13.00
N LEU B 41 -11.32 11.29 -12.73
CA LEU B 41 -10.16 11.37 -13.63
C LEU B 41 -9.46 10.02 -13.68
N TYR B 42 -9.27 9.42 -12.53
CA TYR B 42 -8.49 8.14 -12.48
C TYR B 42 -9.22 6.98 -13.15
N HIS B 43 -10.53 6.87 -12.91
CA HIS B 43 -11.29 5.69 -13.32
C HIS B 43 -11.89 5.83 -14.69
N SER B 44 -11.26 6.64 -15.56
CA SER B 44 -11.67 6.87 -16.95
C SER B 44 -10.48 7.22 -17.85
N ASP B 45 -10.52 6.78 -19.14
CA ASP B 45 -9.51 7.08 -20.21
C ASP B 45 -9.79 8.39 -20.90
N THR B 46 -11.00 8.95 -20.74
CA THR B 46 -11.36 10.19 -21.40
C THR B 46 -10.43 11.31 -20.94
CE1 OHI B 47 -5.92 10.98 -22.68
ND1 OHI B 47 -7.18 11.41 -22.76
NE2 OHI B 47 -5.06 11.99 -22.72
CD2 OHI B 47 -5.80 13.16 -22.81
CG OHI B 47 -7.10 12.80 -22.81
CB OHI B 47 -8.33 13.65 -22.82
CA OHI B 47 -9.29 13.36 -21.63
N OHI B 47 -10.04 12.15 -21.88
C OHI B 47 -10.38 14.42 -21.48
O OHI B 47 -10.87 14.98 -22.46
N TYR B 48 -10.86 14.63 -20.23
CA TYR B 48 -11.94 15.60 -19.98
C TYR B 48 -11.52 17.04 -20.11
N THR B 49 -12.51 17.90 -20.41
CA THR B 49 -12.41 19.33 -20.37
C THR B 49 -13.19 19.68 -19.06
N PRO B 50 -13.10 20.94 -18.53
CA PRO B 50 -13.88 21.29 -17.34
C PRO B 50 -15.38 21.07 -17.52
N GLU B 51 -15.89 21.38 -18.71
CA GLU B 51 -17.31 21.18 -18.95
C GLU B 51 -17.69 19.71 -18.98
N SER B 52 -16.96 18.89 -19.71
CA SER B 52 -17.30 17.46 -19.84
C SER B 52 -17.09 16.69 -18.51
N LEU B 53 -16.11 17.16 -17.71
CA LEU B 53 -15.87 16.57 -16.38
C LEU B 53 -17.07 16.97 -15.46
N TYR B 54 -17.49 18.23 -15.48
CA TYR B 54 -18.69 18.65 -14.72
C TYR B 54 -19.89 17.75 -15.10
N MET B 55 -20.10 17.56 -16.42
CA MET B 55 -21.27 16.81 -16.91
C MET B 55 -21.23 15.37 -16.57
N GLU B 56 -20.03 14.76 -16.54
CA GLU B 56 -19.87 13.35 -16.20
C GLU B 56 -20.20 13.13 -14.71
N ILE B 57 -19.66 14.00 -13.85
CA ILE B 57 -19.92 13.88 -12.39
C ILE B 57 -21.42 14.12 -12.15
N LYS B 58 -22.04 15.10 -12.86
CA LYS B 58 -23.48 15.38 -12.67
C LYS B 58 -24.29 14.11 -12.94
N GLN B 59 -23.90 13.35 -13.97
CA GLN B 59 -24.62 12.15 -14.40
C GLN B 59 -24.35 11.02 -13.48
N ALA B 60 -23.10 10.82 -13.05
CA ALA B 60 -22.74 9.68 -12.23
C ALA B 60 -23.02 9.86 -10.75
N GLU B 61 -22.83 11.10 -10.20
CA GLU B 61 -23.08 11.31 -8.76
C GLU B 61 -23.89 12.57 -8.57
N PRO B 62 -25.15 12.58 -9.03
CA PRO B 62 -25.95 13.82 -8.90
C PRO B 62 -26.15 14.27 -7.45
N ASP B 63 -26.14 13.32 -6.47
CA ASP B 63 -26.34 13.72 -5.06
C ASP B 63 -25.29 14.72 -4.56
N LEU B 64 -24.06 14.64 -5.06
CA LEU B 64 -22.96 15.48 -4.61
C LEU B 64 -23.03 16.90 -5.06
N ASN B 65 -23.82 17.18 -6.14
CA ASN B 65 -23.95 18.54 -6.65
C ASN B 65 -22.57 19.29 -6.75
N VAL B 66 -21.58 18.73 -7.43
CA VAL B 66 -20.25 19.31 -7.64
C VAL B 66 -20.43 20.48 -8.62
N GLY B 67 -20.02 21.68 -8.20
CA GLY B 67 -20.22 22.92 -8.99
C GLY B 67 -19.14 23.17 -10.02
N ILE B 68 -19.41 24.04 -11.02
CA ILE B 68 -18.42 24.30 -12.07
C ILE B 68 -17.23 25.05 -11.51
N ALA B 69 -17.45 25.97 -10.56
CA ALA B 69 -16.30 26.67 -9.96
C ALA B 69 -15.32 25.65 -9.32
N THR B 70 -15.85 24.61 -8.62
CA THR B 70 -15.06 23.57 -7.95
C THR B 70 -14.33 22.72 -9.01
N VAL B 71 -14.97 22.45 -10.13
CA VAL B 71 -14.35 21.72 -11.23
C VAL B 71 -13.09 22.53 -11.76
N TYR B 72 -13.23 23.82 -12.09
CA TYR B 72 -12.07 24.61 -12.57
C TYR B 72 -11.02 24.78 -11.54
N ARG B 73 -11.43 25.13 -10.32
CA ARG B 73 -10.48 25.39 -9.23
C ARG B 73 -9.64 24.17 -8.96
N THR B 74 -10.27 23.00 -8.87
CA THR B 74 -9.58 21.74 -8.59
C THR B 74 -8.65 21.39 -9.73
N LEU B 75 -9.11 21.53 -10.97
CA LEU B 75 -8.24 21.27 -12.12
C LEU B 75 -6.99 22.18 -12.16
N ASN B 76 -7.15 23.45 -11.82
CA ASN B 76 -6.07 24.44 -11.79
C ASN B 76 -5.09 24.08 -10.68
N LEU B 77 -5.61 23.60 -9.53
CA LEU B 77 -4.79 23.14 -8.42
C LEU B 77 -4.01 21.90 -8.78
N LEU B 78 -4.66 20.96 -9.47
CA LEU B 78 -3.99 19.72 -9.91
C LEU B 78 -2.95 20.10 -11.02
N GLU B 79 -3.29 21.02 -11.90
CA GLU B 79 -2.33 21.40 -12.94
C GLU B 79 -1.06 22.09 -12.36
N GLU B 80 -1.25 23.02 -11.39
CA GLU B 80 -0.14 23.72 -10.72
C GLU B 80 0.79 22.73 -10.00
N ALA B 81 0.23 21.65 -9.46
CA ALA B 81 0.95 20.59 -8.77
C ALA B 81 1.53 19.54 -9.73
N GLU B 82 1.25 19.65 -11.05
CA GLU B 82 1.67 18.73 -12.10
C GLU B 82 1.06 17.37 -11.93
N MET B 83 -0.10 17.28 -11.31
CA MET B 83 -0.76 15.96 -11.19
C MET B 83 -1.51 15.70 -12.47
N VAL B 84 -1.85 16.80 -13.21
CA VAL B 84 -2.48 16.71 -14.51
C VAL B 84 -1.67 17.54 -15.49
N THR B 85 -1.79 17.18 -16.77
CA THR B 85 -1.24 17.98 -17.87
C THR B 85 -2.45 18.38 -18.69
N SER B 86 -2.35 19.45 -19.46
CA SER B 86 -3.45 19.86 -20.33
C SER B 86 -2.95 20.22 -21.74
N ILE B 87 -3.87 20.13 -22.74
CA ILE B 87 -3.71 20.50 -24.17
C ILE B 87 -4.72 21.61 -24.48
N SER B 88 -4.27 22.68 -25.18
CA SER B 88 -4.99 23.90 -25.59
C SER B 88 -5.62 24.68 -24.45
N LYS B 94 -9.42 23.71 -22.55
CA LYS B 94 -8.34 22.77 -22.23
C LYS B 94 -8.86 21.36 -22.02
N LYS B 95 -8.05 20.33 -22.37
CA LYS B 95 -8.33 18.91 -22.13
C LYS B 95 -7.22 18.41 -21.25
N TYR B 96 -7.58 17.64 -20.23
CA TYR B 96 -6.71 17.15 -19.16
C TYR B 96 -6.42 15.67 -19.18
N GLU B 97 -5.19 15.27 -18.76
CA GLU B 97 -4.81 13.88 -18.62
C GLU B 97 -4.04 13.77 -17.28
N LEU B 98 -4.34 12.76 -16.44
CA LEU B 98 -3.62 12.56 -15.17
C LEU B 98 -2.22 12.23 -15.56
N ALA B 99 -1.24 12.74 -14.84
CA ALA B 99 0.15 12.40 -15.08
C ALA B 99 0.31 10.85 -14.78
N ASN B 100 1.05 10.10 -15.61
CA ASN B 100 1.23 8.67 -15.32
C ASN B 100 2.66 8.40 -15.59
N LYS B 101 3.51 9.11 -14.84
CA LYS B 101 4.95 9.10 -15.03
C LYS B 101 5.62 7.75 -14.73
N PRO B 102 6.57 7.30 -15.61
CA PRO B 102 7.39 6.10 -15.30
C PRO B 102 8.00 6.16 -13.90
N HIS B 103 8.18 4.98 -13.28
CA HIS B 103 8.70 4.85 -11.93
C HIS B 103 9.43 3.52 -11.83
N HIS B 104 10.28 3.38 -10.84
CA HIS B 104 10.96 2.16 -10.57
C HIS B 104 10.08 1.33 -9.57
N ASP B 105 10.53 0.14 -9.33
CA ASP B 105 10.00 -0.80 -8.31
C ASP B 105 10.94 -0.69 -7.13
N HIS B 106 10.42 -1.04 -5.93
CA HIS B 106 11.21 -0.81 -4.72
C HIS B 106 11.22 -1.98 -3.78
N MET B 107 12.39 -2.18 -3.16
CA MET B 107 12.60 -3.22 -2.19
C MET B 107 12.94 -2.54 -0.86
N ILE B 108 12.23 -2.92 0.24
CA ILE B 108 12.33 -2.22 1.50
C ILE B 108 12.79 -3.13 2.61
N CYS B 109 13.82 -2.67 3.37
CA CYS B 109 14.23 -3.47 4.52
C CYS B 109 13.25 -3.18 5.65
N LYS B 110 12.64 -4.23 6.24
CA LYS B 110 11.67 -4.08 7.34
C LYS B 110 12.28 -3.55 8.62
N ASN B 111 13.58 -3.74 8.79
CA ASN B 111 14.25 -3.29 10.00
C ASN B 111 14.71 -1.81 9.89
N CYS B 112 15.77 -1.50 9.16
CA CYS B 112 16.33 -0.15 9.04
C CYS B 112 15.52 0.75 8.12
N GLY B 113 14.66 0.18 7.29
CA GLY B 113 13.82 0.94 6.39
C GLY B 113 14.50 1.41 5.12
N LYS B 114 15.74 0.97 4.86
CA LYS B 114 16.42 1.38 3.61
C LYS B 114 15.65 0.84 2.37
N ILE B 115 15.73 1.61 1.28
CA ILE B 115 15.00 1.31 0.05
C ILE B 115 15.96 1.21 -1.13
N ILE B 116 15.77 0.19 -1.93
CA ILE B 116 16.54 -0.10 -3.11
C ILE B 116 15.61 0.09 -4.29
N GLU B 117 15.98 0.87 -5.26
CA GLU B 117 15.11 1.02 -6.45
C GLU B 117 15.62 0.04 -7.48
N PHE B 118 14.71 -0.49 -8.32
CA PHE B 118 15.12 -1.47 -9.33
C PHE B 118 14.09 -1.57 -10.45
N GLU B 119 14.52 -2.22 -11.57
CA GLU B 119 13.63 -2.54 -12.73
C GLU B 119 14.12 -3.91 -13.17
N ASN B 120 13.22 -4.77 -13.59
CA ASN B 120 13.67 -6.10 -14.02
C ASN B 120 12.91 -6.39 -15.33
N PRO B 121 13.65 -6.50 -16.45
CA PRO B 121 13.01 -6.77 -17.77
C PRO B 121 12.23 -8.08 -17.85
N ILE B 122 12.68 -9.14 -17.20
CA ILE B 122 11.94 -10.39 -17.23
C ILE B 122 10.58 -10.18 -16.61
N ILE B 123 10.56 -9.55 -15.43
CA ILE B 123 9.26 -9.27 -14.74
C ILE B 123 8.38 -8.42 -15.65
N GLU B 124 8.91 -7.36 -16.24
CA GLU B 124 8.15 -6.50 -17.17
C GLU B 124 7.44 -7.27 -18.29
N ARG B 125 8.19 -8.19 -18.94
CA ARG B 125 7.62 -9.03 -20.00
C ARG B 125 6.55 -9.93 -19.48
N GLN B 126 6.75 -10.54 -18.29
CA GLN B 126 5.69 -11.38 -17.71
C GLN B 126 4.42 -10.56 -17.43
N GLN B 127 4.54 -9.34 -16.98
CA GLN B 127 3.38 -8.46 -16.68
C GLN B 127 2.57 -8.17 -17.95
N ALA B 128 3.27 -7.88 -19.06
CA ALA B 128 2.64 -7.70 -20.40
C ALA B 128 1.89 -9.01 -20.85
N LEU B 129 2.48 -10.18 -20.64
CA LEU B 129 1.82 -11.45 -20.99
C LEU B 129 0.61 -11.73 -20.11
N ILE B 130 0.71 -11.43 -18.80
CA ILE B 130 -0.44 -11.62 -17.89
C ILE B 130 -1.61 -10.80 -18.33
N ALA B 131 -1.33 -9.55 -18.69
CA ALA B 131 -2.45 -8.67 -19.08
C ALA B 131 -3.09 -9.18 -20.36
N LYS B 132 -2.25 -9.58 -21.35
CA LYS B 132 -2.77 -10.06 -22.65
C LYS B 132 -3.58 -11.35 -22.51
N GLU B 133 -3.15 -12.23 -21.60
CA GLU B 133 -3.83 -13.50 -21.36
C GLU B 133 -5.27 -13.28 -20.82
N HIS B 134 -5.54 -12.15 -20.13
CA HIS B 134 -6.86 -11.84 -19.60
C HIS B 134 -7.64 -10.75 -20.40
N GLY B 135 -7.13 -10.42 -21.57
CA GLY B 135 -7.69 -9.40 -22.45
C GLY B 135 -7.65 -7.98 -21.91
N PHE B 136 -6.70 -7.71 -20.99
CA PHE B 136 -6.54 -6.39 -20.37
C PHE B 136 -5.52 -5.56 -21.18
N LYS B 137 -5.73 -4.23 -21.21
CA LYS B 137 -4.76 -3.27 -21.72
C LYS B 137 -3.97 -2.79 -20.45
N LEU B 138 -2.70 -3.14 -20.33
CA LEU B 138 -1.91 -2.79 -19.15
C LEU B 138 -1.54 -1.30 -19.16
N THR B 139 -1.82 -0.58 -18.10
CA THR B 139 -1.49 0.86 -18.02
C THR B 139 -0.49 1.17 -16.97
N GLY B 140 -0.29 0.24 -16.07
CA GLY B 140 0.66 0.53 -15.00
C GLY B 140 0.83 -0.62 -14.05
N HIS B 141 1.69 -0.43 -13.06
CA HIS B 141 1.88 -1.50 -12.04
C HIS B 141 2.48 -0.94 -10.81
N LEU B 142 2.53 -1.75 -9.81
CA LEU B 142 3.22 -1.35 -8.61
C LEU B 142 3.74 -2.59 -8.01
N MET B 143 5.02 -2.59 -7.65
CA MET B 143 5.62 -3.77 -7.03
C MET B 143 6.60 -3.43 -5.92
N GLN B 144 6.35 -3.93 -4.72
CA GLN B 144 7.25 -3.68 -3.56
C GLN B 144 7.69 -5.03 -3.09
N LEU B 145 8.99 -5.16 -2.78
CA LEU B 145 9.49 -6.35 -2.17
C LEU B 145 9.89 -6.00 -0.72
N TYR B 146 9.63 -6.89 0.21
CA TYR B 146 9.90 -6.70 1.65
C TYR B 146 10.92 -7.70 2.07
N GLY B 147 11.82 -7.26 2.91
CA GLY B 147 12.82 -8.23 3.34
C GLY B 147 13.71 -7.65 4.40
N VAL B 148 14.81 -8.31 4.65
CA VAL B 148 15.74 -7.80 5.68
C VAL B 148 17.11 -7.71 4.98
N CYS B 149 17.68 -6.52 5.02
CA CYS B 149 18.97 -6.26 4.36
C CYS B 149 20.13 -6.99 5.06
N GLY B 150 21.28 -7.02 4.37
CA GLY B 150 22.45 -7.72 4.93
C GLY B 150 22.96 -7.07 6.21
N ASP B 151 22.76 -5.76 6.39
CA ASP B 151 23.18 -5.14 7.65
C ASP B 151 22.29 -5.48 8.84
N CYS B 152 21.02 -5.83 8.55
CA CYS B 152 20.03 -6.08 9.59
C CYS B 152 19.78 -7.52 9.90
N ASN B 153 20.28 -8.42 9.07
CA ASN B 153 19.95 -9.82 9.19
C ASN B 153 20.28 -10.38 10.60
N ASN B 154 19.24 -10.97 11.22
CA ASN B 154 19.26 -11.51 12.59
C ASN B 154 19.47 -10.44 13.70
N GLN B 155 19.32 -9.16 13.35
CA GLN B 155 19.52 -8.04 14.31
C GLN B 155 18.22 -7.59 14.93
N LYS B 156 18.29 -7.03 16.16
CA LYS B 156 17.16 -6.38 16.81
C LYS B 156 16.79 -5.10 16.02
N ALA B 157 15.71 -4.42 16.40
CA ALA B 157 15.19 -3.22 15.73
C ALA B 157 16.20 -2.06 15.86
N LYS B 158 16.63 -1.55 14.70
CA LYS B 158 17.65 -0.51 14.65
C LYS B 158 17.24 0.78 15.40
C1 GOL C . 14.09 -26.44 27.61
O1 GOL C . 15.49 -26.41 27.84
C2 GOL C . 13.68 -27.29 26.42
O2 GOL C . 12.33 -27.74 26.62
C3 GOL C . 13.72 -26.47 25.15
O3 GOL C . 13.31 -27.18 24.02
C FMT D . -2.31 -7.21 -4.99
O1 FMT D . -3.14 -6.64 -4.40
O2 FMT D . -2.00 -8.29 -4.39
C FMT E . 12.94 -16.90 -14.26
O1 FMT E . 12.65 -15.97 -13.56
O2 FMT E . 13.24 -18.02 -13.54
C FMT F . 9.55 0.30 6.78
O1 FMT F . 9.59 1.20 5.97
O2 FMT F . 10.16 -0.85 6.39
C FMT G . 23.49 -3.04 -4.07
O1 FMT G . 22.64 -3.02 -3.16
O2 FMT G . 23.77 -4.26 -4.69
C FMT H . 4.54 3.90 -2.21
O1 FMT H . 3.64 3.57 -1.35
O2 FMT H . 4.58 3.21 -3.48
ZN ZN I . -13.38 -3.07 -16.69
C1 GOL J . -2.77 -3.58 -0.60
O1 GOL J . -2.88 -3.00 0.71
C2 GOL J . -4.09 -3.89 -1.27
O2 GOL J . -5.12 -4.31 -0.36
C3 GOL J . -3.86 -5.01 -2.27
O3 GOL J . -4.04 -6.29 -1.68
C1 GOL K . 18.95 -1.39 -9.78
O1 GOL K . 19.09 -1.47 -8.36
C2 GOL K . 18.98 0.04 -10.26
O2 GOL K . 19.68 0.12 -11.49
C3 GOL K . 17.61 0.67 -10.41
O3 GOL K . 16.96 0.32 -11.63
C FMT L . 6.63 0.70 -5.10
O1 FMT L . 7.06 1.25 -4.10
O2 FMT L . 7.38 0.89 -6.21
C FMT M . 30.06 -12.97 3.77
O1 FMT M . 29.91 -11.81 4.10
O2 FMT M . 28.92 -13.72 3.58
C FMT N . -6.79 16.70 3.43
O1 FMT N . -6.19 17.43 2.65
O2 FMT N . -6.11 16.09 4.46
ZN ZN O . 18.23 -3.07 6.97
#